data_5AWW
#
_entry.id   5AWW
#
_cell.length_a   105.493
_cell.length_b   112.904
_cell.length_c   140.002
_cell.angle_alpha   90.00
_cell.angle_beta   90.00
_cell.angle_gamma   90.00
#
_symmetry.space_group_name_H-M   'I 2 2 2'
#
loop_
_entity.id
_entity.type
_entity.pdbx_description
1 polymer 'Protein translocase subunit SecY'
2 polymer 'Protein translocase subunit SecE'
3 polymer 'Putative preprotein translocase, SecG subunit'
4 non-polymer '(2R)-2,3-dihydroxypropyl (9Z)-octadec-9-enoate'
5 water water
#
loop_
_entity_poly.entity_id
_entity_poly.type
_entity_poly.pdbx_seq_one_letter_code
_entity_poly.pdbx_strand_id
1 'polypeptide(L)'
;MVKAFWSALQIPELRQRVLFTLLVLAAYRLGAFIPTPGVDLDKIQEFLRTAQGGVFGIINLFSGGNFERFSIFALGIMPY
ITAAIIMQILVTVVPALEKLSKEGEEGRRIINQYTRIGGIALGAFQGFFLATAFLGAEGGRFLLPGWSPGPFFWFVVVVT
QVAGIALLLWMAERITEYGIGNGTSLIIFAGIVVEWLPQILRTIGLIRTGEVNLVAFLFFLAFIVLAFAGMAAVQQAERR
IPVQYARKVVGGRVYGGQATYIPIKLNAAGVIPIIFAAAILQIPIFLAAPFQDNPVLQGIANFFNPTRPSGLFIEVLLVI
LFTYVYTAVQFDPKRIAESLREYGGFIPGIRPGEPTVKFLEHIVSRLTLWGALFLGLVTLLPQIIQNLTGIHSIAFSGIG
LLIVVGVALDTLRQVESQLMLRSYEGFLSRGRLRGRNRHHHHHH
;
Y
2 'polypeptide(L)' MFARLIRYFQEARAELARVTWPTREQVVEGTQAILLFTLAFMVILGLYDTVFRFLIGLLR E
3 'polypeptide(L)' MDLLYTLVILFYLGVAGLLVYLVLVQEPKQGAGDLMGGSADLFSARGVTGGLYRLTVILGVVFAALALVIGLWPR G
#
loop_
_chem_comp.id
_chem_comp.type
_chem_comp.name
_chem_comp.formula
OLC non-polymer '(2R)-2,3-dihydroxypropyl (9Z)-octadec-9-enoate' 'C21 H40 O4'
#
# COMPACT_ATOMS: atom_id res chain seq x y z
N MET A 1 10.54 4.83 -18.93
CA MET A 1 10.15 3.65 -18.17
C MET A 1 9.01 2.91 -18.86
N VAL A 2 8.61 3.40 -20.04
CA VAL A 2 7.64 2.70 -20.87
C VAL A 2 8.32 1.50 -21.52
N LYS A 3 9.60 1.68 -21.83
CA LYS A 3 10.43 0.60 -22.37
C LYS A 3 10.48 -0.55 -21.38
N ALA A 4 10.51 -0.21 -20.09
CA ALA A 4 10.48 -1.19 -19.02
C ALA A 4 9.14 -1.91 -18.97
N PHE A 5 8.07 -1.14 -19.21
CA PHE A 5 6.72 -1.69 -19.24
C PHE A 5 6.58 -2.75 -20.33
N TRP A 6 7.05 -2.41 -21.53
CA TRP A 6 6.93 -3.33 -22.66
C TRP A 6 7.90 -4.51 -22.57
N SER A 7 9.10 -4.26 -22.06
CA SER A 7 10.11 -5.31 -21.92
C SER A 7 9.69 -6.32 -20.85
N ALA A 8 9.00 -5.83 -19.82
CA ALA A 8 8.51 -6.70 -18.75
C ALA A 8 7.48 -7.70 -19.28
N LEU A 9 6.89 -7.38 -20.43
CA LEU A 9 5.95 -8.28 -21.09
C LEU A 9 6.63 -8.97 -22.26
N GLN A 10 7.84 -8.51 -22.60
CA GLN A 10 8.59 -9.09 -23.70
C GLN A 10 9.61 -10.10 -23.19
N ILE A 11 10.37 -9.72 -22.18
CA ILE A 11 11.41 -10.58 -21.60
C ILE A 11 10.82 -11.74 -20.81
N PRO A 12 11.20 -12.97 -21.16
CA PRO A 12 10.68 -14.22 -20.59
C PRO A 12 10.69 -14.26 -19.05
N GLU A 13 11.79 -13.86 -18.43
CA GLU A 13 11.88 -13.86 -16.97
C GLU A 13 10.87 -12.90 -16.36
N LEU A 14 10.90 -11.66 -16.83
CA LEU A 14 10.02 -10.63 -16.32
C LEU A 14 8.55 -10.94 -16.65
N ARG A 15 8.30 -11.58 -17.78
CA ARG A 15 6.93 -11.91 -18.14
C ARG A 15 6.46 -13.10 -17.30
N GLN A 16 7.39 -13.92 -16.85
CA GLN A 16 7.07 -14.98 -15.91
C GLN A 16 6.67 -14.35 -14.58
N ARG A 17 7.46 -13.37 -14.15
CA ARG A 17 7.16 -12.60 -12.94
C ARG A 17 5.77 -11.96 -13.01
N VAL A 18 5.47 -11.39 -14.18
CA VAL A 18 4.19 -10.74 -14.41
C VAL A 18 3.05 -11.75 -14.33
N LEU A 19 3.19 -12.87 -15.04
CA LEU A 19 2.16 -13.91 -15.05
C LEU A 19 1.92 -14.46 -13.65
N PHE A 20 2.99 -14.66 -12.89
CA PHE A 20 2.85 -15.14 -11.53
C PHE A 20 2.09 -14.12 -10.68
N THR A 21 2.48 -12.85 -10.79
CA THR A 21 1.80 -11.77 -10.07
C THR A 21 0.31 -11.74 -10.38
N LEU A 22 -0.03 -11.83 -11.67
CA LEU A 22 -1.41 -11.83 -12.11
C LEU A 22 -2.17 -13.05 -11.59
N LEU A 23 -1.48 -14.18 -11.49
CA LEU A 23 -2.08 -15.40 -10.96
C LEU A 23 -2.43 -15.23 -9.48
N VAL A 24 -1.47 -14.68 -8.72
CA VAL A 24 -1.69 -14.46 -7.30
C VAL A 24 -2.80 -13.45 -7.06
N LEU A 25 -2.80 -12.36 -7.83
CA LEU A 25 -3.83 -11.34 -7.71
C LEU A 25 -5.20 -11.90 -8.09
N ALA A 26 -5.20 -12.85 -9.03
CA ALA A 26 -6.41 -13.55 -9.40
C ALA A 26 -6.91 -14.38 -8.23
N ALA A 27 -5.98 -15.03 -7.53
CA ALA A 27 -6.33 -15.83 -6.36
C ALA A 27 -6.90 -14.97 -5.25
N TYR A 28 -6.35 -13.76 -5.11
CA TYR A 28 -6.82 -12.80 -4.11
C TYR A 28 -8.24 -12.32 -4.42
N ARG A 29 -8.42 -11.85 -5.66
CA ARG A 29 -9.72 -11.39 -6.12
C ARG A 29 -10.77 -12.49 -5.99
N LEU A 30 -10.38 -13.71 -6.33
CA LEU A 30 -11.25 -14.87 -6.17
C LEU A 30 -11.57 -15.07 -4.70
N GLY A 31 -10.56 -14.85 -3.86
CA GLY A 31 -10.70 -15.01 -2.42
C GLY A 31 -11.66 -14.00 -1.85
N ALA A 32 -11.87 -12.91 -2.59
CA ALA A 32 -12.84 -11.89 -2.18
C ALA A 32 -14.28 -12.38 -2.27
N PHE A 33 -14.51 -13.50 -2.97
CA PHE A 33 -15.86 -14.02 -3.15
C PHE A 33 -16.18 -15.18 -2.20
N ILE A 34 -15.27 -15.43 -1.26
CA ILE A 34 -15.49 -16.49 -0.27
C ILE A 34 -15.84 -15.87 1.08
N PRO A 35 -17.12 -15.90 1.43
CA PRO A 35 -17.64 -15.20 2.61
C PRO A 35 -17.32 -15.86 3.95
N THR A 36 -17.36 -15.06 5.01
CA THR A 36 -17.27 -15.55 6.37
C THR A 36 -18.62 -16.12 6.78
N PRO A 37 -18.63 -17.38 7.24
CA PRO A 37 -19.86 -18.05 7.69
C PRO A 37 -20.63 -17.23 8.72
N GLY A 38 -21.96 -17.19 8.57
CA GLY A 38 -22.81 -16.52 9.54
C GLY A 38 -23.06 -15.05 9.27
N VAL A 39 -22.35 -14.49 8.31
CA VAL A 39 -22.47 -13.06 8.02
C VAL A 39 -23.40 -12.79 6.84
N ASP A 40 -24.37 -11.92 7.07
CA ASP A 40 -25.29 -11.49 6.00
C ASP A 40 -24.66 -10.34 5.21
N LEU A 41 -24.14 -10.65 4.03
CA LEU A 41 -23.46 -9.67 3.21
C LEU A 41 -24.42 -8.61 2.68
N ASP A 42 -25.66 -9.00 2.42
CA ASP A 42 -26.66 -8.08 1.89
C ASP A 42 -26.91 -6.93 2.86
N LYS A 43 -27.02 -7.26 4.14
CA LYS A 43 -27.26 -6.25 5.16
C LYS A 43 -26.03 -5.36 5.34
N ILE A 44 -24.85 -5.93 5.16
CA ILE A 44 -23.62 -5.16 5.25
C ILE A 44 -23.55 -4.14 4.13
N GLN A 45 -23.80 -4.58 2.90
CA GLN A 45 -23.82 -3.69 1.75
C GLN A 45 -24.89 -2.62 1.90
N GLU A 46 -26.05 -3.02 2.43
CA GLU A 46 -27.14 -2.10 2.65
C GLU A 46 -26.76 -1.01 3.64
N PHE A 47 -26.07 -1.40 4.71
CA PHE A 47 -25.61 -0.47 5.72
C PHE A 47 -24.50 0.44 5.18
N LEU A 48 -23.68 -0.09 4.28
CA LEU A 48 -22.55 0.65 3.76
C LEU A 48 -23.01 1.73 2.78
N ARG A 49 -24.25 1.63 2.33
CA ARG A 49 -24.84 2.64 1.45
C ARG A 49 -25.64 3.67 2.23
N THR A 50 -25.75 3.49 3.54
CA THR A 50 -26.43 4.49 4.38
C THR A 50 -25.47 5.58 4.82
N ALA A 51 -26.02 6.64 5.39
CA ALA A 51 -25.26 7.81 5.81
C ALA A 51 -24.23 7.46 6.89
N GLN A 52 -24.62 6.63 7.84
CA GLN A 52 -23.74 6.30 8.96
C GLN A 52 -22.67 5.30 8.53
N GLY A 53 -22.97 4.54 7.49
CA GLY A 53 -22.04 3.54 6.99
C GLY A 53 -20.93 4.13 6.13
N GLY A 54 -21.16 5.34 5.62
CA GLY A 54 -20.22 6.00 4.73
C GLY A 54 -18.82 6.13 5.28
N VAL A 55 -18.72 6.26 6.60
CA VAL A 55 -17.43 6.44 7.28
C VAL A 55 -16.55 5.20 7.11
N PHE A 56 -17.17 4.06 6.83
CA PHE A 56 -16.42 2.82 6.63
C PHE A 56 -15.74 2.79 5.25
N GLY A 57 -16.09 3.78 4.42
CA GLY A 57 -15.61 3.83 3.04
C GLY A 57 -14.14 3.49 2.86
N ILE A 58 -13.29 4.32 3.44
CA ILE A 58 -11.85 4.12 3.33
C ILE A 58 -11.44 2.74 3.88
N ILE A 59 -12.04 2.34 4.99
CA ILE A 59 -11.79 1.02 5.57
C ILE A 59 -12.06 -0.06 4.55
N ASN A 60 -13.13 0.11 3.78
CA ASN A 60 -13.44 -0.84 2.73
C ASN A 60 -12.45 -0.73 1.59
N LEU A 61 -12.09 0.51 1.24
CA LEU A 61 -11.24 0.76 0.08
C LEU A 61 -9.90 0.05 0.21
N PHE A 62 -9.33 0.13 1.41
CA PHE A 62 -8.03 -0.47 1.65
C PHE A 62 -8.14 -1.94 2.03
N SER A 63 -9.37 -2.42 2.19
CA SER A 63 -9.59 -3.84 2.41
C SER A 63 -9.64 -4.56 1.07
N GLY A 64 -9.67 -3.78 0.00
CA GLY A 64 -9.72 -4.31 -1.35
C GLY A 64 -11.12 -4.65 -1.76
N GLY A 65 -12.09 -4.03 -1.11
CA GLY A 65 -13.49 -4.31 -1.35
C GLY A 65 -13.91 -5.59 -0.64
N ASN A 66 -13.01 -6.12 0.18
CA ASN A 66 -13.25 -7.37 0.88
C ASN A 66 -14.20 -7.21 2.07
N PHE A 67 -14.05 -6.09 2.78
CA PHE A 67 -14.92 -5.79 3.92
C PHE A 67 -16.37 -5.70 3.46
N GLU A 68 -16.56 -5.21 2.25
CA GLU A 68 -17.88 -5.08 1.65
C GLU A 68 -18.55 -6.45 1.52
N ARG A 69 -17.74 -7.45 1.16
CA ARG A 69 -18.24 -8.81 0.95
C ARG A 69 -17.82 -9.72 2.11
N PHE A 70 -17.23 -9.12 3.14
CA PHE A 70 -16.66 -9.80 4.31
C PHE A 70 -16.08 -11.18 4.00
N SER A 71 -15.05 -11.18 3.15
CA SER A 71 -14.41 -12.41 2.70
C SER A 71 -13.46 -12.98 3.75
N ILE A 72 -12.69 -14.00 3.37
CA ILE A 72 -11.73 -14.60 4.28
C ILE A 72 -10.64 -13.60 4.67
N PHE A 73 -10.29 -12.70 3.76
CA PHE A 73 -9.43 -11.58 4.11
C PHE A 73 -10.30 -10.34 4.26
N ALA A 74 -11.11 -10.31 5.31
CA ALA A 74 -12.12 -9.25 5.46
C ALA A 74 -11.52 -7.85 5.51
N LEU A 75 -10.39 -7.70 6.19
CA LEU A 75 -9.73 -6.41 6.29
C LEU A 75 -8.55 -6.29 5.33
N GLY A 76 -8.40 -7.26 4.43
CA GLY A 76 -7.30 -7.26 3.49
C GLY A 76 -5.96 -7.48 4.17
N ILE A 77 -4.92 -6.90 3.60
CA ILE A 77 -3.56 -7.04 4.12
C ILE A 77 -3.32 -6.00 5.20
N MET A 78 -4.33 -5.17 5.45
CA MET A 78 -4.25 -4.06 6.38
C MET A 78 -3.82 -4.39 7.81
N PRO A 79 -4.26 -5.54 8.37
CA PRO A 79 -3.77 -5.89 9.71
C PRO A 79 -2.25 -5.93 9.79
N TYR A 80 -1.62 -6.68 8.88
CA TYR A 80 -0.17 -6.77 8.79
C TYR A 80 0.45 -5.38 8.84
N ILE A 81 0.03 -4.54 7.91
CA ILE A 81 0.47 -3.16 7.84
C ILE A 81 0.38 -2.47 9.19
N THR A 82 -0.76 -2.60 9.85
CA THR A 82 -0.96 -1.98 11.15
C THR A 82 0.16 -2.41 12.09
N ALA A 83 0.35 -3.73 12.17
CA ALA A 83 1.41 -4.30 13.00
C ALA A 83 2.72 -3.62 12.67
N ALA A 84 3.04 -3.55 11.38
CA ALA A 84 4.28 -2.94 10.92
C ALA A 84 4.44 -1.56 11.54
N ILE A 85 3.40 -0.75 11.41
CA ILE A 85 3.42 0.60 11.98
C ILE A 85 3.80 0.52 13.45
N ILE A 86 3.03 -0.27 14.20
CA ILE A 86 3.29 -0.46 15.62
C ILE A 86 4.75 -0.80 15.82
N MET A 87 5.24 -1.79 15.09
CA MET A 87 6.62 -2.23 15.22
C MET A 87 7.55 -1.05 15.02
N GLN A 88 7.34 -0.32 13.92
CA GLN A 88 8.15 0.85 13.62
C GLN A 88 8.18 1.80 14.81
N ILE A 89 6.99 2.08 15.36
CA ILE A 89 6.88 2.97 16.50
C ILE A 89 7.78 2.45 17.61
N LEU A 90 7.63 1.18 17.94
CA LEU A 90 8.43 0.56 18.98
C LEU A 90 9.92 0.73 18.67
N VAL A 91 10.28 0.51 17.41
CA VAL A 91 11.67 0.59 17.00
C VAL A 91 12.22 1.99 17.24
N THR A 92 11.38 3.01 17.07
CA THR A 92 11.85 4.38 17.24
C THR A 92 11.60 4.86 18.66
N VAL A 93 10.96 4.03 19.48
CA VAL A 93 10.69 4.39 20.87
C VAL A 93 11.58 3.60 21.82
N VAL A 94 11.58 2.28 21.66
CA VAL A 94 12.41 1.41 22.48
C VAL A 94 13.82 1.30 21.92
N PRO A 95 14.83 1.70 22.70
CA PRO A 95 16.23 1.69 22.26
C PRO A 95 16.76 0.28 21.99
N ALA A 96 16.27 -0.70 22.74
CA ALA A 96 16.70 -2.08 22.57
C ALA A 96 16.33 -2.60 21.17
N LEU A 97 15.13 -2.25 20.72
CA LEU A 97 14.67 -2.65 19.40
C LEU A 97 15.40 -1.89 18.31
N GLU A 98 15.85 -0.69 18.64
CA GLU A 98 16.66 0.10 17.70
C GLU A 98 18.02 -0.55 17.53
N LYS A 99 18.60 -1.01 18.64
CA LYS A 99 19.87 -1.74 18.61
C LYS A 99 19.71 -3.02 17.82
N LEU A 100 18.60 -3.72 18.07
CA LEU A 100 18.30 -4.96 17.37
C LEU A 100 18.13 -4.72 15.87
N SER A 101 17.64 -3.53 15.53
CA SER A 101 17.44 -3.16 14.13
C SER A 101 18.75 -2.81 13.44
N LYS A 102 19.76 -2.46 14.22
CA LYS A 102 21.04 -2.01 13.68
C LYS A 102 22.14 -3.06 13.86
N GLU A 103 21.78 -4.25 14.30
CA GLU A 103 22.76 -5.31 14.50
C GLU A 103 23.28 -5.85 13.16
N GLY A 104 22.43 -5.82 12.15
CA GLY A 104 22.85 -6.20 10.82
C GLY A 104 22.09 -7.38 10.22
N GLU A 105 22.79 -8.50 10.06
CA GLU A 105 22.24 -9.69 9.42
C GLU A 105 20.95 -10.15 10.09
N GLU A 106 21.05 -10.58 11.34
CA GLU A 106 19.88 -10.93 12.14
C GLU A 106 19.48 -9.76 13.02
N GLY A 107 18.21 -9.71 13.39
CA GLY A 107 17.68 -8.57 14.13
C GLY A 107 16.57 -7.93 13.32
N ARG A 108 16.90 -7.54 12.09
CA ARG A 108 15.89 -7.06 11.16
C ARG A 108 14.98 -8.21 10.78
N ARG A 109 15.56 -9.41 10.74
CA ARG A 109 14.80 -10.63 10.52
C ARG A 109 13.88 -10.92 11.70
N ILE A 110 14.39 -10.71 12.91
CA ILE A 110 13.61 -10.90 14.12
C ILE A 110 12.48 -9.89 14.21
N ILE A 111 12.79 -8.64 13.87
CA ILE A 111 11.79 -7.58 13.87
C ILE A 111 10.70 -7.86 12.84
N ASN A 112 11.11 -8.31 11.65
CA ASN A 112 10.17 -8.65 10.59
C ASN A 112 9.27 -9.82 11.01
N GLN A 113 9.87 -10.82 11.63
CA GLN A 113 9.11 -11.98 12.10
C GLN A 113 8.10 -11.57 13.17
N TYR A 114 8.53 -10.71 14.08
CA TYR A 114 7.64 -10.13 15.08
C TYR A 114 6.52 -9.36 14.41
N THR A 115 6.82 -8.73 13.27
CA THR A 115 5.82 -7.98 12.53
C THR A 115 4.78 -8.92 11.92
N ARG A 116 5.25 -10.05 11.40
CA ARG A 116 4.35 -11.03 10.80
C ARG A 116 3.43 -11.67 11.84
N ILE A 117 4.05 -12.16 12.92
CA ILE A 117 3.32 -12.74 14.04
C ILE A 117 2.29 -11.74 14.60
N GLY A 118 2.76 -10.51 14.81
CA GLY A 118 1.91 -9.45 15.31
C GLY A 118 0.79 -9.15 14.35
N GLY A 119 1.06 -9.32 13.06
CA GLY A 119 0.07 -9.08 12.02
C GLY A 119 -1.04 -10.10 12.12
N ILE A 120 -0.66 -11.37 12.23
CA ILE A 120 -1.64 -12.45 12.37
C ILE A 120 -2.46 -12.27 13.64
N ALA A 121 -1.78 -12.00 14.75
CA ALA A 121 -2.45 -11.75 16.03
C ALA A 121 -3.42 -10.59 15.90
N LEU A 122 -3.04 -9.59 15.13
CA LEU A 122 -3.87 -8.40 14.92
C LEU A 122 -5.11 -8.76 14.11
N GLY A 123 -4.95 -9.64 13.14
CA GLY A 123 -6.09 -10.13 12.39
C GLY A 123 -7.04 -10.92 13.26
N ALA A 124 -6.48 -11.67 14.19
CA ALA A 124 -7.30 -12.38 15.18
C ALA A 124 -8.11 -11.39 16.01
N PHE A 125 -7.41 -10.43 16.61
CA PHE A 125 -8.04 -9.43 17.47
C PHE A 125 -9.13 -8.66 16.72
N GLN A 126 -8.83 -8.27 15.49
CA GLN A 126 -9.77 -7.49 14.70
C GLN A 126 -10.96 -8.32 14.26
N GLY A 127 -10.71 -9.60 14.00
CA GLY A 127 -11.79 -10.52 13.68
C GLY A 127 -12.75 -10.63 14.85
N PHE A 128 -12.20 -10.82 16.05
CA PHE A 128 -13.01 -10.92 17.27
C PHE A 128 -13.78 -9.63 17.51
N PHE A 129 -13.07 -8.51 17.49
CA PHE A 129 -13.64 -7.18 17.72
C PHE A 129 -14.79 -6.88 16.76
N LEU A 130 -14.61 -7.17 15.48
CA LEU A 130 -15.66 -6.94 14.51
C LEU A 130 -16.83 -7.90 14.71
N ALA A 131 -16.52 -9.14 15.08
CA ALA A 131 -17.55 -10.14 15.32
C ALA A 131 -18.47 -9.73 16.47
N THR A 132 -17.88 -9.17 17.52
CA THR A 132 -18.62 -8.87 18.74
C THR A 132 -19.23 -7.46 18.79
N ALA A 133 -18.56 -6.49 18.17
CA ALA A 133 -18.94 -5.09 18.32
C ALA A 133 -19.80 -4.56 17.17
N PHE A 134 -19.79 -5.27 16.04
CA PHE A 134 -20.46 -4.78 14.85
C PHE A 134 -21.37 -5.83 14.22
N LEU A 135 -20.84 -7.02 13.99
CA LEU A 135 -21.58 -8.09 13.33
C LEU A 135 -22.72 -8.63 14.19
N GLY A 136 -22.40 -9.10 15.38
CA GLY A 136 -23.40 -9.64 16.29
C GLY A 136 -24.06 -8.58 17.15
N ALA A 137 -23.61 -7.34 17.00
CA ALA A 137 -24.18 -6.21 17.75
C ALA A 137 -25.62 -5.93 17.32
N GLU A 138 -26.33 -5.15 18.14
CA GLU A 138 -27.73 -4.79 17.88
C GLU A 138 -28.62 -6.02 17.68
N GLY A 139 -28.40 -7.04 18.49
CA GLY A 139 -29.17 -8.27 18.41
C GLY A 139 -28.83 -9.09 17.17
N GLY A 140 -27.55 -9.14 16.84
CA GLY A 140 -27.10 -9.85 15.65
C GLY A 140 -27.65 -9.24 14.39
N ARG A 141 -27.30 -7.97 14.15
CA ARG A 141 -27.83 -7.22 13.02
C ARG A 141 -27.39 -7.79 11.68
N PHE A 142 -26.10 -8.11 11.56
CA PHE A 142 -25.56 -8.55 10.28
C PHE A 142 -25.36 -10.06 10.26
N LEU A 143 -26.19 -10.78 11.00
CA LEU A 143 -26.10 -12.24 11.04
C LEU A 143 -27.06 -12.89 10.06
N LEU A 144 -26.81 -14.16 9.77
CA LEU A 144 -27.66 -14.95 8.90
C LEU A 144 -28.68 -15.75 9.71
N PRO A 145 -29.81 -16.12 9.10
CA PRO A 145 -30.82 -16.97 9.75
C PRO A 145 -30.23 -18.29 10.25
N GLY A 146 -30.27 -18.50 11.55
CA GLY A 146 -29.71 -19.70 12.15
C GLY A 146 -28.45 -19.41 12.95
N TRP A 147 -28.07 -18.13 12.98
CA TRP A 147 -26.88 -17.69 13.71
C TRP A 147 -27.23 -16.72 14.81
N SER A 148 -26.58 -16.87 15.97
CA SER A 148 -26.83 -16.01 17.11
C SER A 148 -25.52 -15.45 17.66
N PRO A 149 -25.56 -14.21 18.17
CA PRO A 149 -24.35 -13.55 18.68
C PRO A 149 -23.79 -14.24 19.92
N GLY A 150 -22.87 -15.18 19.70
CA GLY A 150 -22.28 -15.92 20.80
C GLY A 150 -20.83 -16.28 20.54
N PRO A 151 -20.22 -17.02 21.49
CA PRO A 151 -18.81 -17.43 21.40
C PRO A 151 -18.52 -18.35 20.23
N PHE A 152 -19.51 -19.09 19.75
CA PHE A 152 -19.30 -19.95 18.59
C PHE A 152 -19.06 -19.13 17.33
N PHE A 153 -19.93 -18.17 17.09
CA PHE A 153 -19.80 -17.28 15.94
C PHE A 153 -18.49 -16.48 16.00
N TRP A 154 -18.17 -15.98 17.18
CA TRP A 154 -16.93 -15.25 17.40
C TRP A 154 -15.74 -16.15 17.06
N PHE A 155 -15.78 -17.38 17.54
CA PHE A 155 -14.74 -18.37 17.26
C PHE A 155 -14.58 -18.60 15.75
N VAL A 156 -15.71 -18.81 15.07
CA VAL A 156 -15.73 -19.01 13.63
C VAL A 156 -15.06 -17.84 12.89
N VAL A 157 -15.53 -16.63 13.20
CA VAL A 157 -15.01 -15.42 12.57
C VAL A 157 -13.51 -15.28 12.81
N VAL A 158 -13.09 -15.45 14.06
CA VAL A 158 -11.67 -15.35 14.43
C VAL A 158 -10.83 -16.33 13.62
N VAL A 159 -11.23 -17.59 13.60
CA VAL A 159 -10.51 -18.61 12.84
C VAL A 159 -10.39 -18.24 11.37
N THR A 160 -11.54 -17.90 10.78
CA THR A 160 -11.61 -17.46 9.38
C THR A 160 -10.61 -16.34 9.07
N GLN A 161 -10.60 -15.33 9.93
CA GLN A 161 -9.77 -14.15 9.69
C GLN A 161 -8.29 -14.41 9.90
N VAL A 162 -7.96 -15.22 10.92
CA VAL A 162 -6.58 -15.59 11.18
C VAL A 162 -5.99 -16.34 9.99
N ALA A 163 -6.66 -17.42 9.60
CA ALA A 163 -6.20 -18.22 8.46
C ALA A 163 -6.18 -17.37 7.19
N GLY A 164 -7.18 -16.50 7.07
CA GLY A 164 -7.31 -15.63 5.92
C GLY A 164 -6.12 -14.73 5.73
N ILE A 165 -5.80 -13.93 6.75
CA ILE A 165 -4.71 -12.98 6.61
C ILE A 165 -3.35 -13.67 6.66
N ALA A 166 -3.30 -14.88 7.23
CA ALA A 166 -2.08 -15.67 7.13
C ALA A 166 -1.83 -15.99 5.66
N LEU A 167 -2.83 -16.58 5.01
CA LEU A 167 -2.74 -16.90 3.59
C LEU A 167 -2.42 -15.65 2.75
N LEU A 168 -3.03 -14.53 3.09
CA LEU A 168 -2.85 -13.31 2.31
C LEU A 168 -1.46 -12.71 2.47
N LEU A 169 -0.95 -12.70 3.70
CA LEU A 169 0.43 -12.29 3.97
C LEU A 169 1.41 -13.17 3.19
N TRP A 170 1.16 -14.47 3.22
CA TRP A 170 1.94 -15.42 2.45
C TRP A 170 1.93 -15.06 0.96
N MET A 171 0.74 -14.81 0.42
CA MET A 171 0.58 -14.46 -0.98
C MET A 171 1.34 -13.19 -1.35
N ALA A 172 1.28 -12.20 -0.46
CA ALA A 172 2.01 -10.95 -0.65
C ALA A 172 3.51 -11.21 -0.72
N GLU A 173 4.01 -11.99 0.23
CA GLU A 173 5.44 -12.29 0.28
C GLU A 173 5.89 -13.07 -0.94
N ARG A 174 5.00 -13.91 -1.47
CA ARG A 174 5.31 -14.68 -2.67
C ARG A 174 5.26 -13.81 -3.91
N ILE A 175 4.46 -12.74 -3.90
CA ILE A 175 4.49 -11.78 -4.99
C ILE A 175 5.83 -11.04 -4.95
N THR A 176 6.22 -10.62 -3.76
CA THR A 176 7.52 -9.97 -3.57
C THR A 176 8.67 -10.85 -4.05
N GLU A 177 8.56 -12.15 -3.78
CA GLU A 177 9.65 -13.09 -4.10
C GLU A 177 9.69 -13.54 -5.56
N TYR A 178 8.55 -13.97 -6.09
CA TYR A 178 8.50 -14.55 -7.43
C TYR A 178 7.78 -13.68 -8.48
N GLY A 179 7.40 -12.47 -8.09
CA GLY A 179 6.72 -11.59 -9.02
C GLY A 179 7.33 -10.20 -9.10
N ILE A 180 6.74 -9.33 -9.89
CA ILE A 180 7.20 -7.95 -10.02
C ILE A 180 6.75 -7.11 -8.85
N GLY A 181 7.46 -6.01 -8.60
CA GLY A 181 7.11 -5.06 -7.57
C GLY A 181 6.98 -5.65 -6.17
N ASN A 182 6.41 -4.86 -5.26
CA ASN A 182 6.21 -5.30 -3.88
C ASN A 182 4.82 -5.92 -3.69
N GLY A 183 4.75 -7.02 -2.96
CA GLY A 183 3.53 -7.76 -2.78
C GLY A 183 2.40 -7.03 -2.10
N THR A 184 2.67 -6.46 -0.93
CA THR A 184 1.67 -5.74 -0.15
C THR A 184 1.10 -4.57 -0.94
N SER A 185 2.01 -3.75 -1.46
CA SER A 185 1.66 -2.58 -2.25
C SER A 185 0.81 -2.96 -3.45
N LEU A 186 1.14 -4.08 -4.08
CA LEU A 186 0.38 -4.53 -5.25
C LEU A 186 -0.98 -5.07 -4.84
N ILE A 187 -1.09 -5.60 -3.63
CA ILE A 187 -2.36 -6.12 -3.15
C ILE A 187 -3.32 -4.96 -2.86
N ILE A 188 -2.80 -3.93 -2.21
CA ILE A 188 -3.58 -2.71 -1.98
C ILE A 188 -3.95 -2.06 -3.32
N PHE A 189 -2.95 -1.95 -4.20
CA PHE A 189 -3.13 -1.41 -5.54
C PHE A 189 -4.28 -2.09 -6.26
N ALA A 190 -4.22 -3.42 -6.33
CA ALA A 190 -5.25 -4.21 -6.98
C ALA A 190 -6.61 -3.96 -6.34
N GLY A 191 -6.62 -3.99 -5.00
CA GLY A 191 -7.83 -3.77 -4.24
C GLY A 191 -8.47 -2.42 -4.49
N ILE A 192 -7.66 -1.46 -4.94
CA ILE A 192 -8.18 -0.13 -5.26
C ILE A 192 -8.62 -0.03 -6.73
N VAL A 193 -7.74 -0.41 -7.64
CA VAL A 193 -7.98 -0.23 -9.07
C VAL A 193 -9.01 -1.21 -9.62
N VAL A 194 -9.34 -2.25 -8.85
CA VAL A 194 -10.35 -3.21 -9.28
C VAL A 194 -11.72 -2.54 -9.39
N GLU A 195 -11.88 -1.40 -8.73
CA GLU A 195 -13.15 -0.70 -8.67
C GLU A 195 -13.27 0.42 -9.70
N TRP A 196 -12.13 0.83 -10.28
CA TRP A 196 -12.11 1.98 -11.19
C TRP A 196 -12.97 1.79 -12.44
N LEU A 197 -12.63 0.80 -13.27
CA LEU A 197 -13.30 0.61 -14.55
C LEU A 197 -14.83 0.45 -14.47
N PRO A 198 -15.34 -0.38 -13.53
CA PRO A 198 -16.81 -0.45 -13.44
C PRO A 198 -17.44 0.88 -13.07
N GLN A 199 -16.76 1.67 -12.24
CA GLN A 199 -17.26 3.00 -11.87
C GLN A 199 -17.28 3.92 -13.08
N ILE A 200 -16.23 3.85 -13.89
CA ILE A 200 -16.16 4.63 -15.12
C ILE A 200 -17.32 4.28 -16.04
N LEU A 201 -17.52 2.99 -16.30
CA LEU A 201 -18.61 2.52 -17.14
C LEU A 201 -19.97 2.98 -16.61
N ARG A 202 -20.16 2.85 -15.31
CA ARG A 202 -21.40 3.26 -14.66
C ARG A 202 -21.67 4.75 -14.83
N THR A 203 -20.64 5.56 -14.57
CA THR A 203 -20.75 7.01 -14.71
C THR A 203 -21.08 7.39 -16.15
N ILE A 204 -20.42 6.75 -17.11
CA ILE A 204 -20.69 7.00 -18.52
C ILE A 204 -22.14 6.67 -18.86
N GLY A 205 -22.63 5.56 -18.31
CA GLY A 205 -24.02 5.19 -18.45
C GLY A 205 -24.95 6.25 -17.89
N LEU A 206 -24.53 6.86 -16.78
CA LEU A 206 -25.31 7.95 -16.18
C LEU A 206 -25.29 9.20 -17.04
N ILE A 207 -24.19 9.42 -17.76
CA ILE A 207 -24.10 10.55 -18.68
C ILE A 207 -25.06 10.33 -19.85
N ARG A 208 -25.04 9.12 -20.40
CA ARG A 208 -25.97 8.76 -21.47
C ARG A 208 -27.42 8.89 -21.01
N THR A 209 -27.67 8.52 -19.75
CA THR A 209 -29.01 8.61 -19.18
C THR A 209 -29.38 10.06 -18.88
N GLY A 210 -28.49 10.79 -18.22
CA GLY A 210 -28.71 12.20 -17.96
C GLY A 210 -28.52 12.65 -16.52
N GLU A 211 -28.08 11.73 -15.66
CA GLU A 211 -27.88 12.04 -14.25
C GLU A 211 -26.58 12.80 -14.00
N VAL A 212 -25.63 12.67 -14.93
CA VAL A 212 -24.36 13.38 -14.83
C VAL A 212 -24.08 14.11 -16.13
N ASN A 213 -23.87 15.42 -16.05
CA ASN A 213 -23.58 16.21 -17.25
C ASN A 213 -22.15 15.96 -17.70
N LEU A 214 -21.91 16.16 -18.99
CA LEU A 214 -20.64 15.82 -19.62
C LEU A 214 -19.48 16.71 -19.16
N VAL A 215 -19.80 17.95 -18.81
CA VAL A 215 -18.77 18.91 -18.44
C VAL A 215 -18.06 18.52 -17.13
N ALA A 216 -18.85 18.18 -16.11
CA ALA A 216 -18.29 17.76 -14.83
C ALA A 216 -17.43 16.51 -15.01
N PHE A 217 -17.89 15.59 -15.85
CA PHE A 217 -17.15 14.36 -16.11
C PHE A 217 -15.82 14.65 -16.79
N LEU A 218 -15.85 15.55 -17.77
CA LEU A 218 -14.64 15.92 -18.49
C LEU A 218 -13.64 16.60 -17.55
N PHE A 219 -14.14 17.44 -16.65
CA PHE A 219 -13.29 18.05 -15.63
C PHE A 219 -12.68 16.97 -14.72
N PHE A 220 -13.48 15.99 -14.34
CA PHE A 220 -13.03 14.91 -13.48
C PHE A 220 -11.88 14.12 -14.13
N LEU A 221 -12.11 13.70 -15.37
CA LEU A 221 -11.13 12.95 -16.14
C LEU A 221 -9.84 13.75 -16.34
N ALA A 222 -10.00 14.99 -16.80
CA ALA A 222 -8.86 15.88 -17.03
C ALA A 222 -8.07 16.09 -15.75
N PHE A 223 -8.77 16.15 -14.62
CA PHE A 223 -8.10 16.31 -13.33
C PHE A 223 -7.32 15.05 -12.97
N ILE A 224 -7.87 13.87 -13.31
CA ILE A 224 -7.14 12.63 -13.08
C ILE A 224 -5.84 12.61 -13.87
N VAL A 225 -5.94 12.90 -15.17
CA VAL A 225 -4.75 12.96 -16.02
C VAL A 225 -3.75 13.99 -15.47
N LEU A 226 -4.28 15.12 -15.01
CA LEU A 226 -3.45 16.16 -14.42
C LEU A 226 -2.73 15.65 -13.18
N ALA A 227 -3.40 14.81 -12.42
CA ALA A 227 -2.84 14.22 -11.21
C ALA A 227 -1.68 13.31 -11.57
N PHE A 228 -1.92 12.42 -12.54
CA PHE A 228 -0.89 11.51 -13.00
C PHE A 228 0.34 12.26 -13.52
N ALA A 229 0.11 13.20 -14.43
CA ALA A 229 1.17 13.99 -15.02
C ALA A 229 1.95 14.77 -13.97
N GLY A 230 1.23 15.34 -13.00
CA GLY A 230 1.85 16.13 -11.94
C GLY A 230 2.75 15.30 -11.06
N MET A 231 2.23 14.16 -10.60
CA MET A 231 3.01 13.25 -9.77
C MET A 231 4.23 12.73 -10.53
N ALA A 232 4.05 12.46 -11.82
CA ALA A 232 5.14 12.00 -12.67
C ALA A 232 6.23 13.06 -12.77
N ALA A 233 5.82 14.30 -13.01
CA ALA A 233 6.75 15.42 -13.14
C ALA A 233 7.54 15.62 -11.87
N VAL A 234 6.84 15.68 -10.74
CA VAL A 234 7.48 15.92 -9.45
C VAL A 234 8.41 14.75 -9.08
N GLN A 235 8.02 13.54 -9.42
CA GLN A 235 8.87 12.37 -9.19
C GLN A 235 10.13 12.46 -10.05
N GLN A 236 10.00 13.05 -11.24
CA GLN A 236 11.14 13.17 -12.15
C GLN A 236 12.02 14.38 -11.83
N ALA A 237 11.56 15.22 -10.91
CA ALA A 237 12.30 16.43 -10.53
C ALA A 237 13.42 16.12 -9.55
N GLU A 238 14.47 16.95 -9.58
CA GLU A 238 15.62 16.73 -8.71
C GLU A 238 16.45 18.00 -8.48
N ARG A 239 17.06 18.08 -7.31
CA ARG A 239 17.98 19.15 -6.95
C ARG A 239 19.42 18.67 -7.14
N ARG A 240 20.15 19.35 -8.02
CA ARG A 240 21.51 18.94 -8.37
C ARG A 240 22.55 19.65 -7.51
N ILE A 241 23.36 18.87 -6.81
CA ILE A 241 24.44 19.41 -5.99
C ILE A 241 25.79 19.24 -6.68
N PRO A 242 26.40 20.35 -7.11
CA PRO A 242 27.68 20.36 -7.82
C PRO A 242 28.81 19.72 -7.01
N VAL A 243 29.42 18.69 -7.58
CA VAL A 243 30.56 18.02 -6.94
C VAL A 243 31.67 17.81 -7.97
N GLN A 244 32.84 17.40 -7.49
CA GLN A 244 33.97 17.15 -8.39
C GLN A 244 34.75 15.90 -7.99
N TYR A 245 35.29 15.20 -8.99
CA TYR A 245 36.11 14.03 -8.76
C TYR A 245 37.53 14.27 -9.26
N ALA A 246 38.37 13.24 -9.14
CA ALA A 246 39.78 13.32 -9.56
C ALA A 246 40.49 14.50 -8.92
N ARG A 247 40.24 14.71 -7.63
CA ARG A 247 40.80 15.84 -6.91
C ARG A 247 42.31 15.72 -6.74
N LYS A 248 43.03 16.77 -7.14
CA LYS A 248 44.48 16.81 -7.03
C LYS A 248 44.94 18.08 -6.32
N VAL A 249 45.92 17.94 -5.42
CA VAL A 249 46.47 19.09 -4.73
C VAL A 249 47.67 19.65 -5.48
N VAL A 250 47.52 20.87 -6.00
CA VAL A 250 48.57 21.53 -6.75
C VAL A 250 48.90 22.90 -6.16
N GLY A 251 50.18 23.14 -5.93
CA GLY A 251 50.63 24.40 -5.37
C GLY A 251 50.05 24.71 -4.01
N GLY A 252 49.66 23.68 -3.28
CA GLY A 252 49.09 23.85 -1.96
C GLY A 252 47.62 24.22 -2.01
N ARG A 253 47.01 24.05 -3.18
CA ARG A 253 45.60 24.34 -3.36
C ARG A 253 44.87 23.16 -3.97
N VAL A 254 43.65 22.93 -3.52
CA VAL A 254 42.88 21.78 -3.99
C VAL A 254 42.15 22.08 -5.29
N TYR A 255 42.43 21.27 -6.31
CA TYR A 255 41.72 21.35 -7.58
C TYR A 255 40.96 20.05 -7.84
N GLY A 256 40.04 20.09 -8.80
CA GLY A 256 39.26 18.92 -9.14
C GLY A 256 39.13 18.73 -10.64
N GLY A 257 38.52 17.63 -11.04
CA GLY A 257 38.32 17.34 -12.45
C GLY A 257 37.17 18.14 -13.02
N GLN A 258 36.48 17.57 -14.01
CA GLN A 258 35.33 18.23 -14.61
C GLN A 258 34.17 18.27 -13.62
N ALA A 259 33.52 19.43 -13.56
CA ALA A 259 32.41 19.64 -12.62
C ALA A 259 31.20 18.77 -12.96
N THR A 260 30.75 18.00 -11.97
CA THR A 260 29.56 17.17 -12.12
C THR A 260 28.57 17.49 -11.01
N TYR A 261 27.60 16.61 -10.79
CA TYR A 261 26.60 16.83 -9.75
C TYR A 261 26.03 15.53 -9.19
N ILE A 262 25.43 15.61 -8.01
CA ILE A 262 24.65 14.50 -7.47
C ILE A 262 23.19 14.92 -7.37
N PRO A 263 22.29 14.06 -7.87
CA PRO A 263 20.85 14.37 -7.89
C PRO A 263 20.15 13.98 -6.60
N ILE A 264 19.30 14.87 -6.10
CA ILE A 264 18.51 14.57 -4.91
C ILE A 264 17.03 14.83 -5.18
N LYS A 265 16.24 13.76 -5.18
CA LYS A 265 14.81 13.84 -5.46
C LYS A 265 14.09 14.71 -4.42
N LEU A 266 12.95 15.26 -4.81
CA LEU A 266 12.10 16.00 -3.88
C LEU A 266 11.52 15.04 -2.85
N ASN A 267 11.20 13.84 -3.30
CA ASN A 267 10.72 12.78 -2.40
C ASN A 267 11.47 11.47 -2.63
N ALA A 268 11.72 10.75 -1.54
CA ALA A 268 12.31 9.43 -1.61
C ALA A 268 11.30 8.43 -2.18
N ALA A 269 11.77 7.55 -3.07
CA ALA A 269 10.91 6.57 -3.70
C ALA A 269 10.27 5.65 -2.66
N GLY A 270 8.95 5.47 -2.77
CA GLY A 270 8.24 4.61 -1.86
C GLY A 270 6.81 5.09 -1.61
N VAL A 271 5.86 4.16 -1.72
CA VAL A 271 4.47 4.46 -1.46
C VAL A 271 4.13 4.13 0.00
N ILE A 272 5.11 3.59 0.71
CA ILE A 272 4.93 3.14 2.09
C ILE A 272 4.40 4.21 3.07
N PRO A 273 4.94 5.45 3.04
CA PRO A 273 4.41 6.44 3.99
C PRO A 273 2.93 6.73 3.78
N ILE A 274 2.48 6.62 2.53
CA ILE A 274 1.07 6.83 2.20
C ILE A 274 0.22 5.72 2.81
N ILE A 275 0.73 4.50 2.74
CA ILE A 275 0.08 3.35 3.36
C ILE A 275 -0.04 3.55 4.86
N PHE A 276 1.06 3.95 5.48
CA PHE A 276 1.10 4.14 6.92
C PHE A 276 0.16 5.26 7.35
N ALA A 277 0.15 6.36 6.60
CA ALA A 277 -0.73 7.49 6.89
C ALA A 277 -2.19 7.05 6.81
N ALA A 278 -2.51 6.31 5.75
CA ALA A 278 -3.87 5.79 5.57
C ALA A 278 -4.30 4.91 6.74
N ALA A 279 -3.41 3.99 7.13
CA ALA A 279 -3.73 3.06 8.22
C ALA A 279 -3.91 3.79 9.55
N ILE A 280 -3.00 4.73 9.81
CA ILE A 280 -3.07 5.55 11.01
C ILE A 280 -4.40 6.30 11.06
N LEU A 281 -4.82 6.83 9.92
CA LEU A 281 -6.12 7.48 9.83
C LEU A 281 -7.25 6.48 10.07
N GLN A 282 -7.03 5.23 9.69
CA GLN A 282 -8.06 4.19 9.80
C GLN A 282 -8.24 3.63 11.20
N ILE A 283 -7.22 3.76 12.04
CA ILE A 283 -7.29 3.21 13.40
C ILE A 283 -8.44 3.77 14.27
N PRO A 284 -8.58 5.11 14.37
CA PRO A 284 -9.66 5.61 15.23
C PRO A 284 -11.04 5.24 14.70
N ILE A 285 -11.17 5.28 13.38
CA ILE A 285 -12.42 4.90 12.72
C ILE A 285 -12.74 3.44 13.01
N PHE A 286 -11.73 2.58 12.89
CA PHE A 286 -11.91 1.17 13.16
C PHE A 286 -12.34 0.92 14.60
N LEU A 287 -11.76 1.66 15.54
CA LEU A 287 -12.08 1.48 16.94
C LEU A 287 -13.45 2.04 17.32
N ALA A 288 -13.89 3.07 16.61
CA ALA A 288 -15.08 3.81 17.05
C ALA A 288 -16.34 3.51 16.24
N ALA A 289 -16.21 3.40 14.93
CA ALA A 289 -17.36 3.25 14.03
C ALA A 289 -18.28 2.03 14.28
N PRO A 290 -17.72 0.85 14.61
CA PRO A 290 -18.60 -0.32 14.81
C PRO A 290 -19.76 -0.11 15.79
N PHE A 291 -19.55 0.70 16.82
CA PHE A 291 -20.60 0.95 17.81
C PHE A 291 -21.63 1.93 17.27
N GLN A 292 -22.63 1.39 16.58
CA GLN A 292 -23.61 2.19 15.88
C GLN A 292 -24.55 2.94 16.81
N ASP A 293 -24.72 2.42 18.03
CA ASP A 293 -25.69 2.99 18.97
C ASP A 293 -25.06 4.05 19.87
N ASN A 294 -23.79 4.36 19.64
CA ASN A 294 -23.10 5.37 20.44
C ASN A 294 -22.76 6.60 19.62
N PRO A 295 -23.55 7.68 19.79
CA PRO A 295 -23.34 8.95 19.07
C PRO A 295 -21.96 9.54 19.30
N VAL A 296 -21.37 9.29 20.46
CA VAL A 296 -20.04 9.79 20.78
C VAL A 296 -18.99 9.14 19.87
N LEU A 297 -18.98 7.81 19.85
CA LEU A 297 -18.02 7.07 19.04
C LEU A 297 -18.24 7.32 17.54
N GLN A 298 -19.49 7.54 17.16
CA GLN A 298 -19.80 7.88 15.78
C GLN A 298 -19.27 9.28 15.44
N GLY A 299 -19.28 10.17 16.43
CA GLY A 299 -18.74 11.49 16.25
C GLY A 299 -17.23 11.45 16.10
N ILE A 300 -16.59 10.68 16.98
CA ILE A 300 -15.14 10.50 16.94
C ILE A 300 -14.71 9.90 15.61
N ALA A 301 -15.44 8.88 15.16
CA ALA A 301 -15.11 8.20 13.91
C ALA A 301 -15.32 9.12 12.72
N ASN A 302 -16.43 9.83 12.71
CA ASN A 302 -16.75 10.70 11.59
C ASN A 302 -15.85 11.93 11.56
N PHE A 303 -15.19 12.19 12.68
CA PHE A 303 -14.21 13.26 12.76
C PHE A 303 -13.00 12.98 11.85
N PHE A 304 -12.65 11.70 11.71
CA PHE A 304 -11.50 11.31 10.91
C PHE A 304 -11.88 10.87 9.50
N ASN A 305 -13.17 11.03 9.16
CA ASN A 305 -13.67 10.72 7.82
C ASN A 305 -12.97 11.56 6.76
N PRO A 306 -12.21 10.89 5.87
CA PRO A 306 -11.42 11.54 4.81
C PRO A 306 -12.26 12.34 3.82
N THR A 307 -13.57 12.11 3.82
CA THR A 307 -14.49 12.82 2.94
C THR A 307 -14.90 14.15 3.57
N ARG A 308 -14.96 14.16 4.89
CA ARG A 308 -15.31 15.36 5.65
C ARG A 308 -14.09 16.25 5.82
N PRO A 309 -14.30 17.57 5.94
CA PRO A 309 -13.23 18.57 6.09
C PRO A 309 -12.19 18.23 7.16
N SER A 310 -12.64 17.94 8.38
CA SER A 310 -11.72 17.62 9.47
C SER A 310 -10.84 16.42 9.13
N GLY A 311 -11.47 15.30 8.79
CA GLY A 311 -10.76 14.09 8.42
C GLY A 311 -9.85 14.27 7.22
N LEU A 312 -10.27 15.08 6.26
CA LEU A 312 -9.46 15.34 5.07
C LEU A 312 -8.22 16.14 5.44
N PHE A 313 -8.40 17.12 6.31
CA PHE A 313 -7.28 17.93 6.79
C PHE A 313 -6.28 17.04 7.53
N ILE A 314 -6.79 16.23 8.45
CA ILE A 314 -5.96 15.29 9.19
C ILE A 314 -5.19 14.37 8.23
N GLU A 315 -5.88 13.88 7.21
CA GLU A 315 -5.27 13.00 6.22
C GLU A 315 -4.13 13.69 5.48
N VAL A 316 -4.37 14.94 5.10
CA VAL A 316 -3.35 15.75 4.42
C VAL A 316 -2.12 15.91 5.31
N LEU A 317 -2.36 16.26 6.58
CA LEU A 317 -1.27 16.41 7.53
C LEU A 317 -0.47 15.12 7.67
N LEU A 318 -1.18 14.00 7.78
CA LEU A 318 -0.55 12.70 7.93
C LEU A 318 0.32 12.37 6.72
N VAL A 319 -0.20 12.62 5.53
CA VAL A 319 0.57 12.37 4.31
C VAL A 319 1.83 13.24 4.23
N ILE A 320 1.68 14.55 4.47
CA ILE A 320 2.82 15.45 4.42
C ILE A 320 3.89 15.08 5.46
N LEU A 321 3.44 14.88 6.70
CA LEU A 321 4.33 14.52 7.79
C LEU A 321 5.08 13.21 7.51
N PHE A 322 4.33 12.16 7.24
CA PHE A 322 4.92 10.83 7.00
C PHE A 322 5.87 10.86 5.81
N THR A 323 5.50 11.57 4.76
CA THR A 323 6.37 11.71 3.60
C THR A 323 7.67 12.43 3.96
N TYR A 324 7.56 13.53 4.70
CA TYR A 324 8.75 14.31 5.06
C TYR A 324 9.69 13.52 5.96
N VAL A 325 9.13 12.82 6.93
CA VAL A 325 9.91 12.02 7.86
C VAL A 325 10.60 10.87 7.13
N TYR A 326 9.85 10.16 6.29
CA TYR A 326 10.39 9.06 5.52
C TYR A 326 11.53 9.51 4.61
N THR A 327 11.32 10.64 3.93
CA THR A 327 12.35 11.20 3.04
C THR A 327 13.57 11.63 3.83
N ALA A 328 13.35 12.13 5.05
CA ALA A 328 14.45 12.51 5.92
C ALA A 328 15.29 11.29 6.32
N VAL A 329 14.61 10.19 6.62
CA VAL A 329 15.31 8.95 7.02
C VAL A 329 16.06 8.32 5.84
N GLN A 330 15.43 8.30 4.67
CA GLN A 330 16.04 7.69 3.49
C GLN A 330 17.24 8.49 2.98
N PHE A 331 17.11 9.82 2.97
CA PHE A 331 18.19 10.68 2.49
C PHE A 331 19.13 11.09 3.61
N ASP A 332 19.88 10.12 4.13
CA ASP A 332 20.84 10.38 5.19
C ASP A 332 22.11 10.99 4.61
N PRO A 333 22.44 12.23 5.01
CA PRO A 333 23.60 12.95 4.48
C PRO A 333 24.94 12.29 4.80
N LYS A 334 24.99 11.48 5.86
CA LYS A 334 26.22 10.81 6.25
C LYS A 334 26.64 9.75 5.23
N ARG A 335 25.71 8.89 4.85
CA ARG A 335 26.01 7.83 3.89
C ARG A 335 26.25 8.42 2.50
N ILE A 336 25.59 9.53 2.20
CA ILE A 336 25.79 10.22 0.93
C ILE A 336 27.19 10.83 0.87
N ALA A 337 27.58 11.50 1.95
CA ALA A 337 28.90 12.11 2.04
C ALA A 337 30.00 11.04 2.02
N GLU A 338 29.73 9.90 2.64
CA GLU A 338 30.69 8.80 2.69
C GLU A 338 30.76 8.11 1.33
N SER A 339 29.66 8.13 0.59
CA SER A 339 29.64 7.58 -0.76
C SER A 339 30.43 8.49 -1.70
N LEU A 340 30.35 9.79 -1.44
CA LEU A 340 31.14 10.77 -2.19
C LEU A 340 32.60 10.71 -1.78
N ARG A 341 32.84 10.19 -0.57
CA ARG A 341 34.18 10.10 -0.01
C ARG A 341 34.93 8.87 -0.54
N GLU A 342 34.21 7.75 -0.64
CA GLU A 342 34.80 6.51 -1.13
C GLU A 342 35.13 6.59 -2.61
N TYR A 343 34.35 7.38 -3.34
CA TYR A 343 34.58 7.56 -4.78
C TYR A 343 35.63 8.65 -5.05
N GLY A 344 36.18 9.20 -3.98
CA GLY A 344 37.20 10.23 -4.10
C GLY A 344 36.65 11.54 -4.65
N GLY A 345 35.44 11.89 -4.22
CA GLY A 345 34.81 13.12 -4.67
C GLY A 345 34.66 14.13 -3.55
N PHE A 346 34.34 15.36 -3.90
CA PHE A 346 34.18 16.42 -2.90
C PHE A 346 33.26 17.52 -3.41
N ILE A 347 32.87 18.41 -2.51
CA ILE A 347 32.05 19.56 -2.86
C ILE A 347 32.92 20.81 -2.94
N PRO A 348 32.98 21.43 -4.13
CA PRO A 348 33.80 22.62 -4.37
C PRO A 348 33.41 23.80 -3.46
N GLY A 349 34.29 24.11 -2.52
CA GLY A 349 34.04 25.20 -1.58
C GLY A 349 33.73 24.71 -0.19
N ILE A 350 33.46 23.42 -0.06
CA ILE A 350 33.12 22.82 1.22
C ILE A 350 34.14 21.78 1.66
N ARG A 351 34.66 21.94 2.87
CA ARG A 351 35.65 21.02 3.41
C ARG A 351 35.04 19.66 3.71
N PRO A 352 35.76 18.59 3.35
CA PRO A 352 35.32 17.20 3.60
C PRO A 352 35.13 16.92 5.09
N GLY A 353 34.16 16.07 5.41
CA GLY A 353 33.90 15.70 6.79
C GLY A 353 32.51 16.11 7.26
N GLU A 354 32.43 16.57 8.50
CA GLU A 354 31.16 17.00 9.09
C GLU A 354 30.55 18.25 8.44
N PRO A 355 31.36 19.24 8.03
CA PRO A 355 30.73 20.37 7.33
C PRO A 355 30.04 19.98 6.02
N THR A 356 30.56 18.96 5.34
CA THR A 356 29.92 18.45 4.13
C THR A 356 28.55 17.85 4.47
N VAL A 357 28.51 17.06 5.54
CA VAL A 357 27.27 16.46 6.01
C VAL A 357 26.27 17.54 6.41
N LYS A 358 26.77 18.62 7.00
CA LYS A 358 25.95 19.77 7.35
C LYS A 358 25.34 20.42 6.12
N PHE A 359 26.16 20.59 5.09
CA PHE A 359 25.72 21.18 3.82
C PHE A 359 24.61 20.33 3.20
N LEU A 360 24.88 19.03 3.07
CA LEU A 360 23.92 18.10 2.51
C LEU A 360 22.61 18.07 3.30
N GLU A 361 22.73 17.94 4.62
CA GLU A 361 21.57 17.89 5.50
C GLU A 361 20.73 19.15 5.36
N HIS A 362 21.41 20.30 5.29
CA HIS A 362 20.72 21.58 5.12
C HIS A 362 19.92 21.60 3.82
N ILE A 363 20.60 21.30 2.71
CA ILE A 363 19.94 21.30 1.41
C ILE A 363 18.75 20.35 1.37
N VAL A 364 18.94 19.12 1.84
CA VAL A 364 17.88 18.12 1.83
C VAL A 364 16.69 18.51 2.69
N SER A 365 16.98 18.94 3.91
CA SER A 365 15.93 19.32 4.87
C SER A 365 15.12 20.50 4.35
N ARG A 366 15.79 21.42 3.65
CA ARG A 366 15.09 22.56 3.06
C ARG A 366 14.32 22.16 1.80
N LEU A 367 14.78 21.11 1.12
CA LEU A 367 14.23 20.74 -0.17
C LEU A 367 12.97 19.86 -0.08
N THR A 368 13.08 18.74 0.64
CA THR A 368 12.03 17.71 0.65
C THR A 368 10.66 18.21 1.13
N LEU A 369 10.66 19.36 1.80
CA LEU A 369 9.44 19.99 2.25
C LEU A 369 8.45 20.18 1.11
N TRP A 370 8.96 20.57 -0.05
CA TRP A 370 8.10 20.85 -1.20
C TRP A 370 7.48 19.58 -1.77
N GLY A 371 8.24 18.49 -1.77
CA GLY A 371 7.71 17.21 -2.21
C GLY A 371 6.61 16.73 -1.28
N ALA A 372 6.85 16.87 0.02
CA ALA A 372 5.84 16.55 1.02
C ALA A 372 4.57 17.37 0.79
N LEU A 373 4.73 18.68 0.63
CA LEU A 373 3.62 19.58 0.41
C LEU A 373 2.87 19.22 -0.87
N PHE A 374 3.60 18.77 -1.88
CA PHE A 374 2.98 18.40 -3.14
C PHE A 374 2.10 17.17 -2.97
N LEU A 375 2.63 16.17 -2.26
CA LEU A 375 1.84 14.97 -1.98
C LEU A 375 0.61 15.33 -1.15
N GLY A 376 0.74 16.34 -0.29
CA GLY A 376 -0.41 16.84 0.45
C GLY A 376 -1.44 17.52 -0.44
N LEU A 377 -0.96 18.21 -1.47
CA LEU A 377 -1.85 18.86 -2.43
C LEU A 377 -2.63 17.81 -3.21
N VAL A 378 -1.93 16.76 -3.62
CA VAL A 378 -2.56 15.63 -4.31
C VAL A 378 -3.55 14.93 -3.36
N THR A 379 -3.25 14.98 -2.07
CA THR A 379 -4.16 14.43 -1.06
C THR A 379 -5.43 15.27 -0.96
N LEU A 380 -5.29 16.58 -1.17
CA LEU A 380 -6.36 17.53 -0.92
C LEU A 380 -7.30 17.77 -2.10
N LEU A 381 -6.75 18.18 -3.24
CA LEU A 381 -7.54 18.64 -4.38
C LEU A 381 -8.67 17.71 -4.89
N PRO A 382 -8.40 16.40 -5.03
CA PRO A 382 -9.44 15.54 -5.61
C PRO A 382 -10.78 15.58 -4.89
N GLN A 383 -10.76 15.67 -3.56
CA GLN A 383 -12.01 15.75 -2.79
C GLN A 383 -12.81 16.99 -3.17
N ILE A 384 -12.11 18.11 -3.32
CA ILE A 384 -12.72 19.35 -3.76
C ILE A 384 -13.31 19.17 -5.15
N ILE A 385 -12.54 18.56 -6.06
CA ILE A 385 -13.02 18.30 -7.42
C ILE A 385 -14.29 17.46 -7.44
N GLN A 386 -14.35 16.46 -6.57
CA GLN A 386 -15.53 15.61 -6.47
C GLN A 386 -16.71 16.38 -5.92
N ASN A 387 -16.44 17.26 -4.96
CA ASN A 387 -17.49 18.09 -4.36
C ASN A 387 -18.07 19.08 -5.37
N LEU A 388 -17.22 19.59 -6.26
CA LEU A 388 -17.65 20.58 -7.24
C LEU A 388 -18.31 19.95 -8.46
N THR A 389 -17.86 18.77 -8.82
CA THR A 389 -18.38 18.09 -10.01
C THR A 389 -19.60 17.24 -9.72
N GLY A 390 -19.77 16.86 -8.45
CA GLY A 390 -20.88 16.02 -8.06
C GLY A 390 -20.63 14.55 -8.31
N ILE A 391 -19.39 14.22 -8.67
CA ILE A 391 -18.99 12.84 -8.92
C ILE A 391 -18.08 12.35 -7.80
N HIS A 392 -18.67 11.65 -6.83
CA HIS A 392 -17.91 11.21 -5.67
C HIS A 392 -17.46 9.76 -5.79
N SER A 393 -16.22 9.51 -5.40
CA SER A 393 -15.65 8.17 -5.43
C SER A 393 -14.40 8.10 -4.55
N ILE A 394 -14.50 7.32 -3.47
CA ILE A 394 -13.40 7.15 -2.54
C ILE A 394 -12.21 6.44 -3.22
N ALA A 395 -12.51 5.66 -4.25
CA ALA A 395 -11.46 4.97 -5.01
C ALA A 395 -10.61 5.99 -5.77
N PHE A 396 -11.23 7.09 -6.16
CA PHE A 396 -10.54 8.15 -6.89
C PHE A 396 -10.17 9.31 -5.98
N SER A 397 -10.17 9.05 -4.68
CA SER A 397 -9.75 10.04 -3.70
C SER A 397 -8.26 10.36 -3.87
N GLY A 398 -7.81 11.42 -3.23
CA GLY A 398 -6.41 11.80 -3.27
C GLY A 398 -5.52 10.67 -2.78
N ILE A 399 -5.94 10.03 -1.70
CA ILE A 399 -5.19 8.92 -1.12
C ILE A 399 -5.11 7.74 -2.11
N GLY A 400 -6.21 7.47 -2.81
CA GLY A 400 -6.26 6.39 -3.76
C GLY A 400 -5.34 6.64 -4.94
N LEU A 401 -5.39 7.85 -5.48
CA LEU A 401 -4.50 8.25 -6.55
C LEU A 401 -3.05 8.10 -6.12
N LEU A 402 -2.75 8.58 -4.91
CA LEU A 402 -1.42 8.45 -4.34
C LEU A 402 -0.98 6.99 -4.34
N ILE A 403 -1.87 6.09 -3.93
CA ILE A 403 -1.56 4.67 -3.93
C ILE A 403 -1.27 4.14 -5.33
N VAL A 404 -2.18 4.40 -6.26
CA VAL A 404 -2.06 3.89 -7.63
C VAL A 404 -0.78 4.37 -8.31
N VAL A 405 -0.61 5.69 -8.38
CA VAL A 405 0.56 6.27 -9.02
C VAL A 405 1.83 5.87 -8.30
N GLY A 406 1.76 5.80 -6.98
CA GLY A 406 2.90 5.40 -6.17
C GLY A 406 3.38 4.01 -6.53
N VAL A 407 2.48 3.04 -6.47
CA VAL A 407 2.81 1.65 -6.75
C VAL A 407 3.27 1.48 -8.20
N ALA A 408 2.56 2.09 -9.14
CA ALA A 408 2.92 2.02 -10.54
C ALA A 408 4.35 2.53 -10.76
N LEU A 409 4.61 3.74 -10.31
CA LEU A 409 5.92 4.36 -10.45
C LEU A 409 7.02 3.50 -9.79
N ASP A 410 6.74 2.98 -8.60
CA ASP A 410 7.71 2.15 -7.89
C ASP A 410 8.06 0.88 -8.66
N THR A 411 7.03 0.16 -9.10
CA THR A 411 7.22 -1.09 -9.83
C THR A 411 8.00 -0.85 -11.13
N LEU A 412 7.56 0.15 -11.90
CA LEU A 412 8.22 0.45 -13.17
C LEU A 412 9.66 0.93 -12.95
N ARG A 413 9.88 1.68 -11.88
CA ARG A 413 11.20 2.21 -11.55
C ARG A 413 12.14 1.07 -11.24
N GLN A 414 11.68 0.14 -10.42
CA GLN A 414 12.51 -1.01 -10.05
C GLN A 414 12.80 -1.89 -11.27
N VAL A 415 11.77 -2.22 -12.03
CA VAL A 415 11.95 -3.02 -13.24
C VAL A 415 12.97 -2.39 -14.20
N GLU A 416 12.81 -1.09 -14.44
CA GLU A 416 13.73 -0.36 -15.31
C GLU A 416 15.15 -0.37 -14.76
N SER A 417 15.28 -0.11 -13.47
CA SER A 417 16.57 -0.01 -12.82
C SER A 417 17.30 -1.35 -12.80
N GLN A 418 16.54 -2.44 -12.86
CA GLN A 418 17.14 -3.77 -12.86
C GLN A 418 17.48 -4.25 -14.27
N LEU A 419 16.59 -4.00 -15.23
CA LEU A 419 16.86 -4.38 -16.61
C LEU A 419 18.03 -3.55 -17.16
N MET A 420 18.19 -2.33 -16.64
CA MET A 420 19.34 -1.52 -16.99
C MET A 420 20.64 -2.21 -16.57
N LEU A 421 20.62 -2.79 -15.37
CA LEU A 421 21.77 -3.51 -14.86
C LEU A 421 22.00 -4.82 -15.62
N ARG A 422 20.92 -5.40 -16.13
CA ARG A 422 21.04 -6.60 -16.95
C ARG A 422 21.71 -6.27 -18.29
N SER A 423 21.30 -5.16 -18.90
CA SER A 423 21.85 -4.75 -20.18
C SER A 423 23.36 -4.45 -20.09
N TYR A 424 23.78 -3.95 -18.94
CA TYR A 424 25.18 -3.65 -18.70
C TYR A 424 25.77 -4.54 -17.62
N MET B 1 10.94 28.91 17.72
CA MET B 1 10.48 30.29 17.62
C MET B 1 9.91 30.56 16.23
N PHE B 2 9.01 31.54 16.14
CA PHE B 2 8.36 31.91 14.89
C PHE B 2 9.38 32.38 13.86
N ALA B 3 10.43 33.05 14.32
CA ALA B 3 11.49 33.54 13.44
C ALA B 3 12.25 32.38 12.80
N ARG B 4 12.42 31.31 13.56
CA ARG B 4 13.13 30.13 13.08
C ARG B 4 12.44 29.50 11.88
N LEU B 5 11.12 29.34 11.98
CA LEU B 5 10.35 28.73 10.92
C LEU B 5 10.08 29.70 9.77
N ILE B 6 10.02 30.99 10.09
CA ILE B 6 9.82 31.99 9.05
C ILE B 6 11.12 32.19 8.26
N ARG B 7 12.23 31.75 8.85
CA ARG B 7 13.51 31.74 8.15
C ARG B 7 13.64 30.44 7.35
N TYR B 8 13.24 29.35 7.98
CA TYR B 8 13.23 28.03 7.35
C TYR B 8 12.40 28.06 6.07
N PHE B 9 11.28 28.77 6.11
CA PHE B 9 10.40 28.89 4.94
C PHE B 9 11.12 29.59 3.79
N GLN B 10 11.85 30.64 4.11
CA GLN B 10 12.59 31.42 3.11
C GLN B 10 13.71 30.59 2.49
N GLU B 11 14.45 29.87 3.33
CA GLU B 11 15.54 29.03 2.86
C GLU B 11 15.02 27.89 1.99
N ALA B 12 13.93 27.27 2.42
CA ALA B 12 13.30 26.20 1.67
C ALA B 12 12.79 26.73 0.33
N ARG B 13 12.32 27.97 0.33
CA ARG B 13 11.86 28.63 -0.88
C ARG B 13 13.02 28.85 -1.85
N ALA B 14 14.16 29.24 -1.29
CA ALA B 14 15.38 29.42 -2.06
C ALA B 14 15.82 28.10 -2.69
N GLU B 15 15.73 27.01 -1.91
CA GLU B 15 16.07 25.69 -2.43
C GLU B 15 15.07 25.24 -3.50
N LEU B 16 13.82 25.69 -3.36
CA LEU B 16 12.81 25.42 -4.36
C LEU B 16 13.18 26.13 -5.67
N ALA B 17 13.76 27.32 -5.53
CA ALA B 17 14.20 28.08 -6.70
C ALA B 17 15.33 27.40 -7.45
N ARG B 18 16.05 26.50 -6.76
CA ARG B 18 17.19 25.82 -7.36
C ARG B 18 16.86 24.40 -7.83
N VAL B 19 15.58 24.13 -8.06
CA VAL B 19 15.14 22.79 -8.46
C VAL B 19 15.22 22.60 -9.97
N THR B 20 15.88 21.52 -10.39
CA THR B 20 15.96 21.17 -11.81
C THR B 20 14.76 20.33 -12.24
N TRP B 21 13.86 20.93 -13.00
CA TRP B 21 12.65 20.26 -13.47
C TRP B 21 12.93 19.40 -14.69
N PRO B 22 12.22 18.26 -14.81
CA PRO B 22 12.44 17.29 -15.90
C PRO B 22 12.05 17.84 -17.27
N THR B 23 12.53 17.17 -18.33
CA THR B 23 12.21 17.58 -19.69
C THR B 23 10.77 17.20 -20.03
N ARG B 24 10.30 17.67 -21.18
CA ARG B 24 8.95 17.38 -21.63
C ARG B 24 8.78 15.89 -21.91
N GLU B 25 9.80 15.31 -22.55
CA GLU B 25 9.79 13.91 -22.91
C GLU B 25 9.73 13.02 -21.67
N GLN B 26 10.34 13.48 -20.58
CA GLN B 26 10.34 12.73 -19.33
C GLN B 26 8.94 12.68 -18.72
N VAL B 27 8.26 13.82 -18.70
CA VAL B 27 6.91 13.90 -18.17
C VAL B 27 5.95 13.07 -19.01
N VAL B 28 6.05 13.22 -20.33
CA VAL B 28 5.23 12.43 -21.25
C VAL B 28 5.47 10.94 -21.02
N GLU B 29 6.74 10.57 -20.91
CA GLU B 29 7.15 9.19 -20.65
C GLU B 29 6.51 8.64 -19.39
N GLY B 30 6.71 9.35 -18.29
CA GLY B 30 6.17 8.95 -17.01
C GLY B 30 4.66 8.79 -17.03
N THR B 31 3.98 9.78 -17.59
CA THR B 31 2.52 9.76 -17.64
C THR B 31 2.01 8.59 -18.49
N GLN B 32 2.63 8.37 -19.64
CA GLN B 32 2.25 7.26 -20.51
C GLN B 32 2.47 5.92 -19.80
N ALA B 33 3.59 5.80 -19.10
CA ALA B 33 3.90 4.60 -18.34
C ALA B 33 2.83 4.33 -17.29
N ILE B 34 2.53 5.35 -16.48
CA ILE B 34 1.52 5.24 -15.44
C ILE B 34 0.18 4.82 -16.02
N LEU B 35 -0.19 5.46 -17.13
CA LEU B 35 -1.45 5.14 -17.81
C LEU B 35 -1.49 3.70 -18.28
N LEU B 36 -0.41 3.23 -18.91
CA LEU B 36 -0.33 1.85 -19.38
C LEU B 36 -0.47 0.86 -18.23
N PHE B 37 0.32 1.07 -17.17
CA PHE B 37 0.27 0.24 -15.98
C PHE B 37 -1.15 0.13 -15.41
N THR B 38 -1.70 1.29 -15.05
CA THR B 38 -3.02 1.37 -14.44
C THR B 38 -4.09 0.74 -15.33
N LEU B 39 -4.11 1.12 -16.60
CA LEU B 39 -5.09 0.60 -17.55
C LEU B 39 -4.98 -0.91 -17.68
N ALA B 40 -3.75 -1.41 -17.73
CA ALA B 40 -3.48 -2.84 -17.84
C ALA B 40 -4.11 -3.58 -16.68
N PHE B 41 -3.79 -3.16 -15.46
CA PHE B 41 -4.34 -3.85 -14.29
C PHE B 41 -5.86 -3.67 -14.17
N MET B 42 -6.37 -2.53 -14.64
CA MET B 42 -7.81 -2.30 -14.68
C MET B 42 -8.50 -3.33 -15.56
N VAL B 43 -7.98 -3.52 -16.77
CA VAL B 43 -8.52 -4.48 -17.71
C VAL B 43 -8.41 -5.91 -17.19
N ILE B 44 -7.22 -6.27 -16.73
CA ILE B 44 -6.96 -7.63 -16.23
C ILE B 44 -7.86 -7.99 -15.04
N LEU B 45 -7.89 -7.13 -14.03
CA LEU B 45 -8.75 -7.35 -12.87
C LEU B 45 -10.22 -7.35 -13.30
N GLY B 46 -10.53 -6.53 -14.30
CA GLY B 46 -11.86 -6.47 -14.87
C GLY B 46 -12.29 -7.82 -15.41
N LEU B 47 -11.43 -8.44 -16.20
CA LEU B 47 -11.68 -9.78 -16.71
C LEU B 47 -11.79 -10.78 -15.56
N TYR B 48 -10.95 -10.61 -14.54
CA TYR B 48 -11.00 -11.50 -13.37
C TYR B 48 -12.38 -11.50 -12.74
N ASP B 49 -12.83 -10.36 -12.23
CA ASP B 49 -14.10 -10.33 -11.51
C ASP B 49 -15.29 -10.52 -12.45
N THR B 50 -15.09 -10.24 -13.74
CA THR B 50 -16.12 -10.52 -14.73
C THR B 50 -16.35 -12.02 -14.88
N VAL B 51 -15.30 -12.75 -15.25
CA VAL B 51 -15.36 -14.19 -15.38
C VAL B 51 -15.79 -14.87 -14.07
N PHE B 52 -15.28 -14.36 -12.95
CA PHE B 52 -15.62 -14.90 -11.64
C PHE B 52 -17.11 -14.76 -11.35
N ARG B 53 -17.64 -13.54 -11.45
CA ARG B 53 -19.05 -13.33 -11.15
C ARG B 53 -19.96 -13.98 -12.18
N PHE B 54 -19.46 -14.20 -13.39
CA PHE B 54 -20.25 -14.88 -14.42
C PHE B 54 -20.34 -16.38 -14.13
N LEU B 55 -19.24 -16.97 -13.67
CA LEU B 55 -19.22 -18.39 -13.30
C LEU B 55 -20.03 -18.66 -12.04
N ILE B 56 -19.87 -17.79 -11.04
CA ILE B 56 -20.64 -17.89 -9.80
C ILE B 56 -22.13 -17.68 -10.07
N GLY B 57 -22.43 -16.73 -10.96
CA GLY B 57 -23.79 -16.50 -11.38
C GLY B 57 -24.35 -17.68 -12.13
N LEU B 58 -23.49 -18.37 -12.87
CA LEU B 58 -23.87 -19.58 -13.58
C LEU B 58 -24.20 -20.70 -12.61
N LEU B 59 -23.44 -20.77 -11.52
CA LEU B 59 -23.68 -21.78 -10.48
C LEU B 59 -25.01 -21.50 -9.78
N ARG B 60 -25.29 -20.23 -9.54
CA ARG B 60 -26.53 -19.78 -8.90
C ARG B 60 -26.68 -20.33 -7.47
N MET C 1 -27.01 -33.28 13.69
CA MET C 1 -25.61 -33.25 13.28
C MET C 1 -24.76 -32.43 14.26
N ASP C 2 -24.41 -33.05 15.39
CA ASP C 2 -23.54 -32.44 16.38
C ASP C 2 -22.10 -32.88 16.17
N LEU C 3 -21.88 -34.18 16.27
CA LEU C 3 -20.56 -34.77 16.12
C LEU C 3 -19.95 -34.46 14.77
N LEU C 4 -20.75 -34.63 13.71
CA LEU C 4 -20.28 -34.41 12.34
C LEU C 4 -19.84 -32.96 12.15
N TYR C 5 -20.73 -32.04 12.50
CA TYR C 5 -20.48 -30.61 12.38
C TYR C 5 -19.27 -30.22 13.22
N THR C 6 -19.18 -30.78 14.42
CA THR C 6 -18.06 -30.52 15.31
C THR C 6 -16.75 -30.98 14.67
N LEU C 7 -16.79 -32.10 13.97
CA LEU C 7 -15.61 -32.64 13.30
C LEU C 7 -15.20 -31.77 12.12
N VAL C 8 -16.19 -31.25 11.39
CA VAL C 8 -15.94 -30.32 10.31
C VAL C 8 -15.28 -29.05 10.83
N ILE C 9 -15.81 -28.54 11.94
CA ILE C 9 -15.27 -27.33 12.56
C ILE C 9 -13.86 -27.57 13.06
N LEU C 10 -13.63 -28.73 13.66
CA LEU C 10 -12.30 -29.09 14.14
C LEU C 10 -11.32 -29.16 12.97
N PHE C 11 -11.79 -29.67 11.83
CA PHE C 11 -10.94 -29.70 10.64
C PHE C 11 -10.62 -28.29 10.16
N TYR C 12 -11.63 -27.42 10.19
CA TYR C 12 -11.47 -26.01 9.82
C TYR C 12 -10.41 -25.33 10.69
N LEU C 13 -10.55 -25.48 12.00
CA LEU C 13 -9.62 -24.93 12.97
C LEU C 13 -8.21 -25.49 12.77
N GLY C 14 -8.11 -26.80 12.57
CA GLY C 14 -6.83 -27.46 12.37
C GLY C 14 -6.12 -26.96 11.13
N VAL C 15 -6.85 -26.88 10.02
CA VAL C 15 -6.30 -26.37 8.77
C VAL C 15 -5.86 -24.93 8.96
N ALA C 16 -6.65 -24.16 9.70
CA ALA C 16 -6.33 -22.76 9.99
C ALA C 16 -5.00 -22.64 10.73
N GLY C 17 -4.90 -23.32 11.86
CA GLY C 17 -3.71 -23.25 12.69
C GLY C 17 -2.48 -23.77 11.98
N LEU C 18 -2.63 -24.87 11.28
CA LEU C 18 -1.54 -25.45 10.50
C LEU C 18 -1.06 -24.46 9.45
N LEU C 19 -2.02 -23.75 8.84
CA LEU C 19 -1.72 -22.77 7.82
C LEU C 19 -0.93 -21.61 8.43
N VAL C 20 -1.35 -21.18 9.61
CA VAL C 20 -0.63 -20.15 10.37
C VAL C 20 0.81 -20.58 10.61
N TYR C 21 0.98 -21.82 11.07
CA TYR C 21 2.30 -22.35 11.36
C TYR C 21 3.17 -22.33 10.10
N LEU C 22 2.62 -22.84 8.99
CA LEU C 22 3.35 -22.90 7.73
C LEU C 22 3.76 -21.52 7.23
N VAL C 23 2.86 -20.56 7.33
CA VAL C 23 3.14 -19.20 6.87
C VAL C 23 4.23 -18.54 7.75
N LEU C 24 4.08 -18.66 9.07
CA LEU C 24 5.06 -18.11 10.00
C LEU C 24 6.44 -18.72 9.82
N VAL C 25 6.50 -20.02 9.57
CA VAL C 25 7.77 -20.72 9.36
C VAL C 25 8.47 -20.24 8.10
N GLN C 26 7.73 -20.07 7.02
CA GLN C 26 8.30 -19.60 5.76
C GLN C 26 8.70 -18.13 5.85
N GLU C 27 9.81 -17.87 6.54
CA GLU C 27 10.32 -16.52 6.70
C GLU C 27 10.98 -16.04 5.42
N PRO C 28 10.64 -14.82 4.97
CA PRO C 28 11.21 -14.27 3.74
C PRO C 28 12.71 -13.99 3.87
N LYS C 29 13.46 -14.17 2.78
CA LYS C 29 14.87 -13.83 2.75
C LYS C 29 15.02 -12.31 2.68
N GLN C 30 15.43 -11.71 3.80
CA GLN C 30 15.42 -10.26 3.95
C GLN C 30 16.67 -9.56 3.41
N GLY C 31 16.55 -8.25 3.24
CA GLY C 31 17.66 -7.41 2.85
C GLY C 31 17.77 -6.22 3.80
N ALA C 32 18.28 -5.10 3.31
CA ALA C 32 18.42 -3.90 4.13
C ALA C 32 17.07 -3.21 4.33
N GLY C 33 16.30 -3.08 3.26
CA GLY C 33 15.00 -2.43 3.31
C GLY C 33 13.91 -3.34 3.83
N ASP C 34 12.83 -2.74 4.35
CA ASP C 34 11.72 -3.51 4.89
C ASP C 34 10.91 -4.18 3.79
N LEU C 35 10.54 -3.41 2.77
CA LEU C 35 9.76 -3.94 1.66
C LEU C 35 10.26 -3.37 0.33
N MET C 36 10.66 -4.27 -0.57
CA MET C 36 11.15 -3.90 -1.89
C MET C 36 10.60 -4.84 -2.96
N GLY C 37 10.87 -4.53 -4.21
CA GLY C 37 10.49 -5.41 -5.31
C GLY C 37 11.49 -6.54 -5.45
N GLY C 38 12.69 -6.32 -4.93
CA GLY C 38 13.75 -7.32 -5.01
C GLY C 38 14.36 -7.43 -6.39
N SER C 39 15.57 -7.97 -6.45
CA SER C 39 16.24 -8.19 -7.73
C SER C 39 15.53 -9.29 -8.52
N ALA C 40 14.83 -8.89 -9.58
CA ALA C 40 14.04 -9.81 -10.38
C ALA C 40 14.81 -10.36 -11.57
N ASP C 41 16.14 -10.27 -11.52
CA ASP C 41 16.99 -10.80 -12.58
C ASP C 41 17.27 -12.28 -12.39
N LEU C 42 17.64 -12.65 -11.16
CA LEU C 42 17.91 -14.04 -10.83
C LEU C 42 16.64 -14.87 -10.90
N PHE C 43 16.72 -16.03 -11.53
CA PHE C 43 15.57 -16.92 -11.66
C PHE C 43 15.15 -17.47 -10.29
N SER C 44 16.14 -17.64 -9.42
CA SER C 44 15.92 -18.20 -8.08
C SER C 44 15.18 -19.53 -8.16
N ALA C 45 14.00 -19.58 -7.57
CA ALA C 45 13.13 -20.76 -7.59
C ALA C 45 13.86 -22.02 -7.15
N ARG C 46 14.67 -21.89 -6.10
CA ARG C 46 15.34 -23.04 -5.50
C ARG C 46 14.30 -23.92 -4.81
N GLY C 47 14.73 -25.09 -4.33
CA GLY C 47 13.85 -25.95 -3.57
C GLY C 47 13.34 -25.25 -2.32
N VAL C 48 14.27 -24.57 -1.65
CA VAL C 48 14.04 -23.78 -0.42
C VAL C 48 12.83 -24.22 0.42
N THR C 49 11.62 -23.86 0.00
CA THR C 49 10.41 -24.24 0.73
C THR C 49 9.31 -24.65 -0.24
N GLY C 50 9.67 -25.48 -1.21
CA GLY C 50 8.74 -25.90 -2.25
C GLY C 50 7.64 -26.81 -1.76
N GLY C 51 8.00 -27.78 -0.92
CA GLY C 51 7.04 -28.68 -0.34
C GLY C 51 6.00 -27.94 0.48
N LEU C 52 6.47 -26.97 1.26
CA LEU C 52 5.59 -26.15 2.07
C LEU C 52 4.86 -25.11 1.22
N TYR C 53 5.44 -24.74 0.08
CA TYR C 53 4.78 -23.87 -0.87
C TYR C 53 3.52 -24.55 -1.40
N ARG C 54 3.72 -25.72 -1.99
CA ARG C 54 2.63 -26.51 -2.56
C ARG C 54 1.63 -26.88 -1.46
N LEU C 55 2.15 -27.18 -0.27
CA LEU C 55 1.29 -27.53 0.86
C LEU C 55 0.42 -26.36 1.29
N THR C 56 0.99 -25.16 1.27
CA THR C 56 0.23 -23.97 1.64
C THR C 56 -0.83 -23.67 0.59
N VAL C 57 -0.51 -23.86 -0.68
CA VAL C 57 -1.52 -23.65 -1.72
C VAL C 57 -2.68 -24.61 -1.53
N ILE C 58 -2.35 -25.89 -1.37
CA ILE C 58 -3.35 -26.93 -1.15
C ILE C 58 -4.22 -26.63 0.07
N LEU C 59 -3.57 -26.25 1.17
CA LEU C 59 -4.30 -25.97 2.41
C LEU C 59 -5.10 -24.68 2.33
N GLY C 60 -4.70 -23.80 1.41
CA GLY C 60 -5.45 -22.58 1.17
C GLY C 60 -6.73 -22.95 0.48
N VAL C 61 -6.63 -23.81 -0.53
CA VAL C 61 -7.82 -24.27 -1.24
C VAL C 61 -8.75 -25.04 -0.30
N VAL C 62 -8.16 -25.90 0.52
CA VAL C 62 -8.93 -26.69 1.48
C VAL C 62 -9.64 -25.79 2.48
N PHE C 63 -8.93 -24.78 2.98
CA PHE C 63 -9.50 -23.83 3.92
C PHE C 63 -10.67 -23.06 3.30
N ALA C 64 -10.48 -22.60 2.07
CA ALA C 64 -11.53 -21.91 1.34
C ALA C 64 -12.76 -22.79 1.15
N ALA C 65 -12.52 -24.01 0.69
CA ALA C 65 -13.59 -24.98 0.45
C ALA C 65 -14.33 -25.32 1.74
N LEU C 66 -13.60 -25.32 2.86
CA LEU C 66 -14.21 -25.59 4.16
C LEU C 66 -15.03 -24.41 4.62
N ALA C 67 -14.62 -23.20 4.23
CA ALA C 67 -15.41 -22.01 4.52
C ALA C 67 -16.72 -22.07 3.76
N LEU C 68 -16.64 -22.51 2.51
CA LEU C 68 -17.84 -22.68 1.69
C LEU C 68 -18.72 -23.81 2.24
N VAL C 69 -18.10 -24.86 2.77
CA VAL C 69 -18.84 -25.98 3.34
C VAL C 69 -19.60 -25.55 4.59
N ILE C 70 -18.92 -24.89 5.51
CA ILE C 70 -19.56 -24.40 6.73
C ILE C 70 -20.64 -23.39 6.38
N GLY C 71 -20.40 -22.58 5.36
CA GLY C 71 -21.39 -21.64 4.87
C GLY C 71 -22.64 -22.32 4.34
N LEU C 72 -22.47 -23.44 3.64
CA LEU C 72 -23.61 -24.13 3.04
C LEU C 72 -24.28 -25.08 4.01
N TRP C 73 -23.74 -25.20 5.22
CA TRP C 73 -24.25 -26.16 6.20
C TRP C 73 -25.67 -25.82 6.63
N PRO C 74 -26.55 -26.84 6.68
CA PRO C 74 -27.96 -26.70 7.04
C PRO C 74 -28.16 -26.19 8.47
N ARG C 75 -29.40 -25.81 8.79
CA ARG C 75 -29.73 -25.25 10.10
C ARG C 75 -29.39 -26.20 11.24
C18 OLC D . -11.96 7.83 24.55
C10 OLC D . -19.53 7.64 27.09
C9 OLC D . -20.46 8.56 27.32
C17 OLC D . -13.08 6.99 23.99
C11 OLC D . -19.44 6.97 25.74
C8 OLC D . -20.53 9.22 28.68
C16 OLC D . -14.15 6.72 25.05
C12 OLC D . -18.02 7.13 25.19
C15 OLC D . -15.26 5.83 24.49
C13 OLC D . -16.98 6.59 26.17
C14 OLC D . -16.23 5.40 25.58
C18 OLC E . -22.33 -22.96 26.20
C10 OLC E . -13.26 -20.88 25.65
C9 OLC E . -12.36 -20.56 26.57
C17 OLC E . -21.97 -22.05 25.05
C11 OLC E . -14.48 -21.71 26.00
C8 OLC E . -11.16 -19.72 26.19
C16 OLC E . -20.75 -21.19 25.38
C12 OLC E . -15.73 -21.03 25.47
C15 OLC E . -19.48 -22.03 25.47
C13 OLC E . -16.96 -21.92 25.62
C14 OLC E . -18.24 -21.14 25.34
C18 OLC F . -23.34 -2.35 23.71
C10 OLC F . -15.76 -5.20 23.04
C9 OLC F . -14.94 -4.19 23.30
C17 OLC F . -22.44 -2.20 22.51
C11 OLC F . -17.26 -5.00 23.20
C16 OLC F . -22.48 -3.44 21.63
C12 OLC F . -17.98 -5.59 21.99
C15 OLC F . -21.71 -4.61 22.26
C13 OLC F . -19.48 -5.74 22.26
C14 OLC F . -20.21 -4.41 22.13
C18 OLC G . -1.73 21.62 1.03
C10 OLC G . 5.36 21.95 -4.66
C9 OLC G . 5.77 21.32 -5.75
C17 OLC G . -1.18 21.81 -0.37
C11 OLC G . 4.13 22.83 -4.70
C8 OLC G . 5.02 21.46 -7.06
C16 OLC G . -0.02 22.79 -0.39
C12 OLC G . 3.29 22.64 -3.43
C7 OLC G . 6.00 21.81 -8.18
C15 OLC G . 0.61 22.85 -1.79
C13 OLC G . 2.42 23.87 -3.20
C6 OLC G . 5.32 21.78 -9.55
C14 OLC G . 1.75 23.86 -1.83
C5 OLC G . 6.29 22.16 -10.65
C18 OLC H . -11.32 24.50 0.94
C10 OLC H . -2.87 25.46 -2.32
C17 OLC H . -10.20 25.50 1.10
C11 OLC H . -4.19 25.87 -1.70
C16 OLC H . -8.90 24.95 0.49
C12 OLC H . -5.26 24.84 -2.07
C15 OLC H . -7.76 25.95 0.67
C13 OLC H . -6.61 25.23 -1.45
C14 OLC H . -6.47 25.42 0.06
C18 OLC I . -11.43 1.49 27.11
C10 OLC I . -21.02 3.85 27.70
C9 OLC I . -22.31 3.52 27.63
C17 OLC I . -12.80 0.88 27.37
C11 OLC I . -20.04 2.91 28.35
C8 OLC I . -22.80 2.22 28.20
C24 OLC I . -23.86 3.75 38.29
C16 OLC I . -13.86 1.97 27.50
C12 OLC I . -18.74 2.93 27.55
C7 OLC I . -24.07 2.45 29.01
C15 OLC I . -15.22 1.39 27.88
C13 OLC I . -17.69 1.97 28.11
C6 OLC I . -24.55 1.16 29.65
C14 OLC I . -16.30 2.46 27.71
C5 OLC I . -23.76 0.85 30.92
C4 OLC I . -24.00 -0.60 31.36
C3 OLC I . -23.70 -0.81 32.84
C2 OLC I . -24.88 -0.40 33.71
C21 OLC I . -24.09 2.50 36.13
C1 OLC I . -24.68 1.00 34.24
C22 OLC I . -23.95 2.37 37.65
O19 OLC I . -25.01 1.98 33.59
O25 OLC I . -23.66 3.57 39.70
O23 OLC I . -25.08 1.69 38.18
O20 OLC I . -24.11 1.20 35.57
C10 OLC J . -8.74 19.87 13.74
C9 OLC J . -9.75 20.48 13.12
C11 OLC J . -7.37 19.81 13.11
C8 OLC J . -9.52 21.12 11.78
C24 OLC J . -12.81 21.11 1.07
C12 OLC J . -6.36 20.50 14.00
C7 OLC J . -10.69 20.83 10.85
C6 OLC J . -10.34 21.16 9.41
C5 OLC J . -10.15 22.66 9.20
C4 OLC J . -9.24 22.93 8.00
C3 OLC J . -9.68 22.13 6.78
C2 OLC J . -8.75 22.38 5.60
C21 OLC J . -10.90 21.09 2.68
C1 OLC J . -9.16 21.54 4.42
C22 OLC J . -12.43 21.09 2.54
O19 OLC J . -8.34 20.88 3.81
O25 OLC J . -12.64 19.81 0.52
O23 OLC J . -12.94 19.88 3.11
O20 OLC J . -10.55 21.53 3.98
C18 OLC K . -23.67 -25.69 16.79
C10 OLC K . -14.03 -26.22 19.07
C9 OLC K . -12.91 -26.84 19.40
C17 OLC K . -22.50 -26.63 16.87
C11 OLC K . -15.20 -27.05 18.56
C8 OLC K . -11.73 -26.04 19.90
C16 OLC K . -21.37 -26.03 17.71
C12 OLC K . -16.52 -26.38 18.91
C7 OLC K . -11.00 -26.81 20.99
C15 OLC K . -20.11 -26.91 17.62
C13 OLC K . -17.65 -26.98 18.11
C6 OLC K . -9.71 -26.11 21.37
C14 OLC K . -18.97 -26.30 18.41
C18 OLC L . -9.56 -20.42 -3.36
C10 OLC L . -1.79 -18.28 -4.61
C9 OLC L . -0.70 -18.48 -5.33
C17 OLC L . -9.25 -19.08 -2.72
C11 OLC L . -2.73 -19.42 -4.28
C8 OLC L . -0.36 -19.86 -5.84
C16 OLC L . -7.82 -18.63 -3.03
C12 OLC L . -2.91 -19.55 -2.76
C7 OLC L . 0.08 -19.78 -7.30
C15 OLC L . -6.79 -19.65 -2.57
C13 OLC L . -4.30 -20.11 -2.43
C6 OLC L . 0.43 -21.18 -7.83
C14 OLC L . -5.38 -19.18 -2.93
C10 OLC M . -5.40 -31.20 -3.86
C9 OLC M . -4.93 -32.13 -4.71
C17 OLC M . -12.96 -30.39 0.09
C11 OLC M . -6.74 -30.51 -4.06
C8 OLC M . -3.58 -32.73 -4.41
C16 OLC M . -11.63 -29.70 -0.16
C12 OLC M . -7.44 -30.35 -2.71
C7 OLC M . -3.60 -34.24 -4.64
C15 OLC M . -11.09 -30.07 -1.53
C13 OLC M . -8.94 -30.17 -2.90
C6 OLC M . -2.51 -34.89 -3.81
C14 OLC M . -9.60 -29.71 -1.59
C5 OLC M . -1.11 -34.40 -4.20
C4 OLC M . -0.05 -34.85 -3.19
C3 OLC M . 1.39 -34.71 -3.69
C18 OLC N . 7.37 -30.20 12.92
C10 OLC N . -1.89 -26.97 14.92
C17 OLC N . 6.02 -29.80 12.37
C11 OLC N . -0.80 -26.98 13.88
C16 OLC N . 5.04 -29.43 13.48
C12 OLC N . 0.50 -27.48 14.49
C15 OLC N . 3.75 -28.88 12.90
C13 OLC N . 1.56 -27.73 13.41
C14 OLC N . 2.81 -28.38 14.01
#